data_4HHA
#
_entry.id   4HHA
#
_cell.length_a   43.250
_cell.length_b   65.510
_cell.length_c   67.110
_cell.angle_alpha   90.00
_cell.angle_beta   96.58
_cell.angle_gamma   90.00
#
_symmetry.space_group_name_H-M   'P 1 21 1'
#
loop_
_entity.id
_entity.type
_entity.pdbx_description
1 polymer 'Fab KE5'
2 polymer 'Antibody KE5'
3 polymer 'Glycoprotein B'
4 non-polymer 'CHLORIDE ION'
5 water water
#
loop_
_entity_poly.entity_id
_entity_poly.type
_entity_poly.pdbx_seq_one_letter_code
_entity_poly.pdbx_strand_id
1 'polypeptide(L)'
;EVVLTQSPATLSLSPGERATISCRASQSVGGYLTWYQQKPGQAPRLLIYDASNRATGIPARFSGSGSGTDFTLTISGLEP
EDFAIYYCQQRGNWPPITFGQGTRLEIKRTVAAPSVFIFPPSDEQLKSGTASVVCLLNNFYPREAKVQWKVDNALQSGNS
QESVTEQDSKDSTYSLSSTLTLSKADYEKHKVYACEVTHQGLSSPVTKSFNRGEC
;
A
2 'polypeptide(L)'
;QVQLVESGGGVVQPGRSLRLSCAASGFTFSNHGMHWVRQAPGKRLEWVAVISYDGRHEHYADLVKGRFTISRDNSKNTLY
LQMNSLRAEDRALYFCAREGLSRDNSGFTGLIDYWGQGTMVTVSSASTKGPSVFPLAPSSKSTSGGTAALGCLVKDYFPE
PVTVSWNSGALTSGVHTFPAVLQSSGLYSLSSVVTVPSSSLGTQTYICNVNHKPSNTKVDKKVEPKSCDKTHTGLE
;
B
3 'polypeptide(L)' ETIYNTTLKY P
#
# COMPACT_ATOMS: atom_id res chain seq x y z
N GLU A 1 12.01 -20.81 -8.88
CA GLU A 1 12.06 -20.46 -7.43
C GLU A 1 11.00 -21.23 -6.65
N VAL A 2 11.09 -21.15 -5.33
CA VAL A 2 10.12 -21.81 -4.46
C VAL A 2 9.03 -20.77 -4.22
N VAL A 3 7.86 -21.00 -4.78
CA VAL A 3 6.76 -20.07 -4.61
C VAL A 3 5.99 -20.35 -3.32
N LEU A 4 5.76 -19.30 -2.54
CA LEU A 4 5.03 -19.43 -1.29
C LEU A 4 3.64 -18.83 -1.46
N THR A 5 2.63 -19.58 -1.07
CA THR A 5 1.26 -19.12 -1.20
C THR A 5 0.57 -19.21 0.14
N GLN A 6 0.04 -18.09 0.62
CA GLN A 6 -0.64 -18.05 1.90
C GLN A 6 -2.15 -18.11 1.74
N SER A 7 -2.82 -18.46 2.83
CA SER A 7 -4.28 -18.57 2.88
C SER A 7 -4.68 -18.38 4.33
N PRO A 8 -5.73 -17.59 4.59
CA PRO A 8 -6.47 -16.83 3.59
C PRO A 8 -5.79 -15.51 3.28
N ALA A 9 -6.36 -14.71 2.38
CA ALA A 9 -5.79 -13.40 2.04
C ALA A 9 -6.10 -12.41 3.16
N THR A 10 -7.31 -12.51 3.68
CA THR A 10 -7.76 -11.65 4.77
C THR A 10 -8.50 -12.46 5.83
N LEU A 11 -8.21 -12.16 7.08
CA LEU A 11 -8.84 -12.85 8.20
C LEU A 11 -9.47 -11.76 9.06
N SER A 12 -10.79 -11.84 9.25
CA SER A 12 -11.53 -10.89 10.06
C SER A 12 -11.68 -11.52 11.43
N LEU A 13 -11.05 -10.91 12.43
CA LEU A 13 -11.12 -11.38 13.80
C LEU A 13 -11.19 -10.20 14.73
N SER A 14 -11.49 -10.49 16.00
CA SER A 14 -11.55 -9.46 17.00
C SER A 14 -10.62 -9.92 18.12
N PRO A 15 -10.20 -8.98 18.96
CA PRO A 15 -9.29 -9.25 20.09
C PRO A 15 -9.75 -10.47 20.89
N GLY A 16 -8.80 -11.29 21.32
CA GLY A 16 -9.13 -12.47 22.10
C GLY A 16 -9.31 -13.72 21.27
N GLU A 17 -9.57 -13.56 19.98
CA GLU A 17 -9.76 -14.73 19.13
C GLU A 17 -8.45 -15.34 18.66
N ARG A 18 -8.56 -16.46 17.96
CA ARG A 18 -7.40 -17.18 17.48
C ARG A 18 -7.26 -17.08 15.97
N ALA A 19 -6.07 -16.72 15.51
CA ALA A 19 -5.81 -16.60 14.09
C ALA A 19 -5.03 -17.82 13.63
N THR A 20 -5.44 -18.36 12.48
CA THR A 20 -4.77 -19.51 11.90
C THR A 20 -4.47 -19.15 10.46
N ILE A 21 -3.19 -19.05 10.15
CA ILE A 21 -2.74 -18.70 8.80
C ILE A 21 -1.86 -19.80 8.22
N SER A 22 -2.10 -20.15 6.96
CA SER A 22 -1.30 -21.19 6.32
C SER A 22 -0.38 -20.64 5.24
N CYS A 23 0.71 -21.35 5.03
CA CYS A 23 1.72 -20.98 4.04
C CYS A 23 2.16 -22.28 3.39
N ARG A 24 1.95 -22.39 2.07
CA ARG A 24 2.34 -23.58 1.34
C ARG A 24 3.45 -23.25 0.36
N ALA A 25 4.36 -24.19 0.17
CA ALA A 25 5.48 -23.99 -0.75
C ALA A 25 5.40 -24.95 -1.94
N SER A 26 5.81 -24.47 -3.11
CA SER A 26 5.78 -25.26 -4.34
C SER A 26 6.66 -26.51 -4.23
N GLN A 27 7.67 -26.45 -3.39
CA GLN A 27 8.55 -27.61 -3.14
C GLN A 27 9.20 -27.45 -1.78
N SER A 28 9.79 -28.51 -1.28
CA SER A 28 10.39 -28.49 0.06
C SER A 28 11.47 -27.47 0.41
N VAL A 29 11.35 -26.95 1.62
CA VAL A 29 12.30 -25.99 2.18
C VAL A 29 12.61 -26.55 3.56
N GLY A 30 12.25 -27.82 3.75
CA GLY A 30 12.48 -28.46 5.03
C GLY A 30 11.71 -27.68 6.09
N GLY A 31 12.41 -27.33 7.16
CA GLY A 31 11.76 -26.57 8.22
C GLY A 31 12.23 -25.13 8.22
N TYR A 32 12.96 -24.75 7.17
CA TYR A 32 13.48 -23.40 7.05
C TYR A 32 12.43 -22.40 6.59
N LEU A 33 11.44 -22.19 7.43
CA LEU A 33 10.34 -21.28 7.13
C LEU A 33 10.24 -20.22 8.24
N THR A 34 10.22 -18.96 7.82
CA THR A 34 10.15 -17.84 8.76
C THR A 34 8.82 -17.08 8.65
N TRP A 35 8.36 -16.54 9.77
CA TRP A 35 7.13 -15.76 9.80
C TRP A 35 7.42 -14.32 10.21
N TYR A 36 6.88 -13.38 9.45
CA TYR A 36 7.09 -11.96 9.72
C TYR A 36 5.78 -11.23 9.92
N GLN A 37 5.86 -10.11 10.62
CA GLN A 37 4.69 -9.29 10.88
C GLN A 37 5.04 -7.93 10.30
N GLN A 38 4.11 -7.32 9.59
CA GLN A 38 4.36 -6.01 9.02
C GLN A 38 3.11 -5.16 8.86
N LYS A 39 3.30 -3.86 9.01
CA LYS A 39 2.23 -2.91 8.83
C LYS A 39 2.66 -2.21 7.55
N PRO A 40 1.70 -1.81 6.71
CA PRO A 40 1.97 -1.12 5.44
C PRO A 40 2.96 0.03 5.57
N GLY A 41 4.03 -0.01 4.77
CA GLY A 41 5.03 1.03 4.78
C GLY A 41 5.96 1.00 5.98
N GLN A 42 5.89 -0.08 6.74
CA GLN A 42 6.73 -0.21 7.93
C GLN A 42 7.69 -1.39 7.91
N ALA A 43 8.67 -1.35 8.79
CA ALA A 43 9.67 -2.39 8.90
C ALA A 43 9.09 -3.71 9.42
N PRO A 44 9.32 -4.81 8.69
CA PRO A 44 8.82 -6.13 9.09
C PRO A 44 9.47 -6.57 10.40
N ARG A 45 8.76 -7.39 11.17
CA ARG A 45 9.28 -7.89 12.43
C ARG A 45 9.33 -9.40 12.40
N LEU A 46 10.47 -9.93 12.83
CA LEU A 46 10.68 -11.37 12.88
C LEU A 46 9.88 -11.95 14.05
N LEU A 47 9.12 -13.00 13.77
CA LEU A 47 8.29 -13.63 14.80
C LEU A 47 8.74 -15.04 15.14
N ILE A 48 8.84 -15.84 14.08
CA ILE A 48 9.19 -17.24 14.23
C ILE A 48 10.12 -17.71 13.11
N TYR A 49 11.06 -18.58 13.46
CA TYR A 49 11.96 -19.12 12.45
C TYR A 49 12.03 -20.63 12.60
N ASP A 50 12.51 -21.30 11.56
CA ASP A 50 12.60 -22.75 11.55
C ASP A 50 11.24 -23.34 11.88
N ALA A 51 10.21 -22.73 11.30
CA ALA A 51 8.83 -23.15 11.44
C ALA A 51 8.17 -23.00 12.81
N SER A 52 8.88 -23.31 13.88
CA SER A 52 8.28 -23.24 15.21
C SER A 52 9.05 -22.51 16.32
N ASN A 53 10.25 -22.03 16.03
CA ASN A 53 11.02 -21.34 17.04
C ASN A 53 10.65 -19.86 17.15
N ARG A 54 10.28 -19.42 18.35
CA ARG A 54 9.94 -18.03 18.54
C ARG A 54 11.21 -17.22 18.67
N ALA A 55 11.24 -16.07 18.01
CA ALA A 55 12.39 -15.19 18.04
C ALA A 55 12.48 -14.48 19.38
N THR A 56 13.64 -13.91 19.67
CA THR A 56 13.84 -13.19 20.93
C THR A 56 12.76 -12.14 21.16
N GLY A 57 12.19 -12.14 22.36
CA GLY A 57 11.17 -11.17 22.72
C GLY A 57 9.78 -11.44 22.17
N ILE A 58 9.61 -12.50 21.37
CA ILE A 58 8.29 -12.79 20.83
C ILE A 58 7.47 -13.58 21.84
N PRO A 59 6.28 -13.06 22.19
CA PRO A 59 5.36 -13.68 23.14
C PRO A 59 4.77 -15.05 22.76
N ALA A 60 4.47 -15.84 23.77
CA ALA A 60 3.92 -17.20 23.66
C ALA A 60 2.65 -17.38 22.81
N ARG A 61 1.83 -16.33 22.67
CA ARG A 61 0.61 -16.51 21.89
C ARG A 61 0.90 -16.80 20.42
N PHE A 62 2.14 -16.55 20.01
CA PHE A 62 2.58 -16.80 18.64
C PHE A 62 3.23 -18.17 18.57
N SER A 63 2.69 -19.04 17.72
CA SER A 63 3.24 -20.37 17.57
C SER A 63 3.20 -20.80 16.11
N GLY A 64 4.10 -21.70 15.73
CA GLY A 64 4.14 -22.16 14.36
C GLY A 64 4.30 -23.66 14.27
N SER A 65 3.84 -24.22 13.16
CA SER A 65 3.91 -25.66 12.95
C SER A 65 4.08 -25.93 11.47
N GLY A 66 4.34 -27.18 11.11
CA GLY A 66 4.49 -27.53 9.72
C GLY A 66 5.90 -27.81 9.29
N SER A 67 6.04 -28.32 8.07
CA SER A 67 7.36 -28.64 7.54
C SER A 67 7.28 -28.95 6.06
N GLY A 68 8.42 -28.78 5.38
CA GLY A 68 8.49 -29.08 3.96
C GLY A 68 7.77 -28.11 3.03
N THR A 69 6.45 -28.31 2.89
CA THR A 69 5.64 -27.49 1.98
C THR A 69 4.31 -27.04 2.57
N ASP A 70 4.05 -27.39 3.82
CA ASP A 70 2.80 -27.04 4.47
C ASP A 70 3.05 -26.50 5.88
N PHE A 71 2.83 -25.20 6.06
CA PHE A 71 3.05 -24.57 7.37
C PHE A 71 1.85 -23.81 7.92
N THR A 72 1.84 -23.60 9.24
CA THR A 72 0.76 -22.89 9.90
C THR A 72 1.23 -21.95 11.01
N LEU A 73 0.75 -20.71 10.96
CA LEU A 73 1.05 -19.73 12.00
C LEU A 73 -0.22 -19.58 12.80
N THR A 74 -0.09 -19.66 14.12
CA THR A 74 -1.25 -19.54 15.00
C THR A 74 -1.03 -18.43 16.01
N ILE A 75 -2.01 -17.56 16.15
CA ILE A 75 -1.90 -16.47 17.12
C ILE A 75 -3.16 -16.56 17.96
N SER A 76 -2.99 -16.95 19.22
CA SER A 76 -4.12 -17.09 20.13
C SER A 76 -4.24 -15.83 20.98
N GLY A 77 -5.41 -15.64 21.59
CA GLY A 77 -5.65 -14.48 22.42
C GLY A 77 -5.19 -13.20 21.76
N LEU A 78 -5.62 -13.00 20.52
CA LEU A 78 -5.25 -11.81 19.74
C LEU A 78 -5.33 -10.51 20.51
N GLU A 79 -4.30 -9.69 20.37
CA GLU A 79 -4.24 -8.40 21.02
C GLU A 79 -4.18 -7.36 19.91
N PRO A 80 -4.59 -6.11 20.20
CA PRO A 80 -4.62 -4.98 19.26
C PRO A 80 -3.40 -4.87 18.35
N GLU A 81 -2.22 -4.97 18.94
CA GLU A 81 -0.97 -4.87 18.18
C GLU A 81 -0.81 -5.96 17.14
N ASP A 82 -1.56 -7.04 17.26
CA ASP A 82 -1.47 -8.14 16.32
C ASP A 82 -2.16 -7.91 14.99
N PHE A 83 -3.08 -6.96 14.94
CA PHE A 83 -3.73 -6.70 13.68
C PHE A 83 -2.74 -6.02 12.75
N ALA A 84 -2.25 -6.81 11.81
CA ALA A 84 -1.27 -6.37 10.82
C ALA A 84 -1.23 -7.38 9.68
N ILE A 85 -0.18 -7.30 8.87
CA ILE A 85 -0.03 -8.24 7.76
C ILE A 85 1.03 -9.25 8.14
N TYR A 86 0.80 -10.51 7.76
CA TYR A 86 1.76 -11.56 8.07
C TYR A 86 2.31 -12.23 6.83
N TYR A 87 3.62 -12.36 6.77
CA TYR A 87 4.30 -12.97 5.62
C TYR A 87 5.15 -14.15 6.03
N CYS A 88 5.18 -15.16 5.18
CA CYS A 88 6.05 -16.29 5.46
C CYS A 88 7.22 -16.10 4.51
N GLN A 89 8.37 -16.63 4.91
CA GLN A 89 9.58 -16.50 4.11
C GLN A 89 10.32 -17.82 4.21
N GLN A 90 11.00 -18.20 3.13
CA GLN A 90 11.76 -19.44 3.17
C GLN A 90 13.22 -19.19 2.89
N ARG A 91 14.06 -19.94 3.59
CA ARG A 91 15.51 -19.82 3.47
C ARG A 91 16.07 -21.23 3.37
N GLY A 92 15.25 -22.13 2.83
CA GLY A 92 15.66 -23.52 2.69
C GLY A 92 16.23 -23.85 1.33
N ASN A 93 15.76 -23.16 0.31
CA ASN A 93 16.23 -23.36 -1.06
C ASN A 93 16.34 -22.00 -1.70
N TRP A 94 17.52 -21.41 -1.59
CA TRP A 94 17.77 -20.10 -2.15
C TRP A 94 19.24 -20.00 -2.57
N PRO A 95 19.60 -18.99 -3.37
CA PRO A 95 18.73 -17.94 -3.89
C PRO A 95 17.78 -18.42 -5.01
N PRO A 96 16.66 -17.71 -5.22
CA PRO A 96 16.28 -16.52 -4.46
C PRO A 96 15.50 -16.81 -3.19
N ILE A 97 15.59 -15.90 -2.22
CA ILE A 97 14.83 -16.05 -0.99
C ILE A 97 13.44 -15.63 -1.46
N THR A 98 12.41 -16.31 -0.97
CA THR A 98 11.06 -15.95 -1.40
C THR A 98 10.10 -15.74 -0.24
N PHE A 99 9.08 -14.93 -0.49
CA PHE A 99 8.07 -14.63 0.52
C PHE A 99 6.66 -14.95 0.02
N GLY A 100 5.74 -15.08 0.97
CA GLY A 100 4.34 -15.35 0.63
C GLY A 100 3.73 -14.03 0.22
N GLN A 101 2.49 -14.02 -0.26
CA GLN A 101 1.84 -12.77 -0.67
C GLN A 101 1.23 -12.01 0.50
N GLY A 102 1.35 -12.58 1.70
CA GLY A 102 0.82 -11.93 2.89
C GLY A 102 -0.63 -12.21 3.22
N THR A 103 -0.94 -12.18 4.51
CA THR A 103 -2.30 -12.40 4.98
C THR A 103 -2.60 -11.25 5.92
N ARG A 104 -3.70 -10.55 5.65
CA ARG A 104 -4.08 -9.43 6.49
C ARG A 104 -5.06 -9.85 7.55
N LEU A 105 -4.82 -9.36 8.75
CA LEU A 105 -5.66 -9.61 9.90
C LEU A 105 -6.38 -8.28 10.16
N GLU A 106 -7.64 -8.21 9.75
CA GLU A 106 -8.43 -7.00 9.95
C GLU A 106 -9.34 -7.08 11.16
N ILE A 107 -9.78 -5.92 11.63
CA ILE A 107 -10.67 -5.83 12.78
C ILE A 107 -12.08 -6.19 12.34
N LYS A 108 -12.65 -7.17 13.03
CA LYS A 108 -13.98 -7.66 12.74
C LYS A 108 -15.05 -6.72 13.29
N ARG A 109 -16.14 -6.62 12.55
CA ARG A 109 -17.27 -5.79 12.95
C ARG A 109 -18.48 -6.26 12.18
N THR A 110 -19.63 -5.67 12.47
CA THR A 110 -20.87 -6.04 11.81
C THR A 110 -21.02 -5.46 10.42
N VAL A 111 -21.94 -6.03 9.67
CA VAL A 111 -22.22 -5.59 8.31
C VAL A 111 -22.66 -4.14 8.34
N ALA A 112 -22.20 -3.38 7.36
CA ALA A 112 -22.56 -1.99 7.26
C ALA A 112 -22.69 -1.67 5.77
N ALA A 113 -23.89 -1.25 5.37
CA ALA A 113 -24.13 -0.93 3.98
C ALA A 113 -23.49 0.41 3.67
N PRO A 114 -22.99 0.58 2.44
CA PRO A 114 -22.36 1.83 2.05
C PRO A 114 -23.39 2.91 1.70
N SER A 115 -23.01 4.16 1.94
CA SER A 115 -23.86 5.28 1.60
C SER A 115 -23.22 5.63 0.27
N VAL A 116 -24.00 5.54 -0.80
CA VAL A 116 -23.48 5.79 -2.14
C VAL A 116 -23.83 7.18 -2.62
N PHE A 117 -22.82 7.90 -3.12
CA PHE A 117 -23.00 9.25 -3.62
C PHE A 117 -22.34 9.40 -4.99
N ILE A 118 -22.83 10.34 -5.79
CA ILE A 118 -22.24 10.56 -7.10
C ILE A 118 -22.02 12.05 -7.38
N PHE A 119 -20.91 12.35 -8.05
CA PHE A 119 -20.54 13.72 -8.36
C PHE A 119 -20.29 13.96 -9.84
N PRO A 120 -21.02 14.91 -10.45
CA PRO A 120 -20.78 15.16 -11.87
C PRO A 120 -19.47 15.93 -11.99
N PRO A 121 -18.93 16.05 -13.20
CA PRO A 121 -17.66 16.78 -13.40
C PRO A 121 -17.89 18.25 -13.07
N SER A 122 -16.81 18.93 -12.65
CA SER A 122 -16.91 20.34 -12.33
C SER A 122 -16.88 21.13 -13.63
N ASP A 123 -17.31 22.38 -13.55
CA ASP A 123 -17.32 23.27 -14.71
C ASP A 123 -15.89 23.59 -15.11
N GLU A 124 -15.02 23.71 -14.11
CA GLU A 124 -13.62 24.01 -14.34
C GLU A 124 -12.97 22.91 -15.17
N GLN A 125 -13.25 21.66 -14.80
CA GLN A 125 -12.67 20.54 -15.55
C GLN A 125 -13.18 20.47 -16.98
N LEU A 126 -14.48 20.61 -17.17
CA LEU A 126 -15.06 20.55 -18.51
C LEU A 126 -14.44 21.61 -19.42
N LYS A 127 -14.14 22.77 -18.86
CA LYS A 127 -13.50 23.85 -19.63
C LYS A 127 -12.22 23.30 -20.25
N SER A 128 -11.50 22.50 -19.48
CA SER A 128 -10.23 21.97 -19.94
C SER A 128 -10.29 20.82 -20.96
N GLY A 129 -11.48 20.30 -21.24
CA GLY A 129 -11.63 19.23 -22.21
C GLY A 129 -11.80 17.83 -21.67
N THR A 130 -11.87 17.69 -20.35
CA THR A 130 -12.04 16.38 -19.73
C THR A 130 -13.21 16.36 -18.75
N ALA A 131 -13.73 15.18 -18.46
CA ALA A 131 -14.86 15.03 -17.55
C ALA A 131 -14.67 13.81 -16.65
N SER A 132 -14.55 14.05 -15.35
CA SER A 132 -14.38 12.98 -14.39
C SER A 132 -15.63 12.90 -13.52
N VAL A 133 -16.20 11.71 -13.44
CA VAL A 133 -17.39 11.49 -12.65
C VAL A 133 -16.94 10.65 -11.47
N VAL A 134 -17.35 11.05 -10.27
CA VAL A 134 -16.94 10.32 -9.08
C VAL A 134 -18.06 9.65 -8.31
N CYS A 135 -17.83 8.39 -8.00
CA CYS A 135 -18.77 7.60 -7.23
C CYS A 135 -18.12 7.32 -5.89
N LEU A 136 -18.83 7.64 -4.82
CA LEU A 136 -18.30 7.45 -3.48
C LEU A 136 -19.14 6.47 -2.65
N LEU A 137 -18.45 5.53 -2.02
CA LEU A 137 -19.09 4.54 -1.15
C LEU A 137 -18.54 4.81 0.23
N ASN A 138 -19.39 5.35 1.10
CA ASN A 138 -18.97 5.68 2.45
C ASN A 138 -19.32 4.69 3.56
N ASN A 139 -18.31 4.42 4.39
CA ASN A 139 -18.40 3.55 5.55
C ASN A 139 -19.21 2.26 5.44
N PHE A 140 -18.62 1.29 4.77
CA PHE A 140 -19.28 0.00 4.59
C PHE A 140 -18.37 -1.11 5.07
N TYR A 141 -18.97 -2.29 5.28
CA TYR A 141 -18.26 -3.47 5.74
C TYR A 141 -19.14 -4.68 5.43
N PRO A 142 -18.54 -5.77 4.93
CA PRO A 142 -17.12 -5.95 4.65
C PRO A 142 -16.52 -5.13 3.47
N ARG A 143 -15.21 -5.27 3.25
CA ARG A 143 -14.50 -4.54 2.19
C ARG A 143 -14.89 -4.87 0.75
N GLU A 144 -15.21 -6.12 0.45
CA GLU A 144 -15.58 -6.45 -0.92
C GLU A 144 -16.80 -5.66 -1.33
N ALA A 145 -16.72 -5.08 -2.52
CA ALA A 145 -17.80 -4.29 -3.06
C ALA A 145 -17.63 -4.25 -4.56
N LYS A 146 -18.74 -4.45 -5.25
CA LYS A 146 -18.77 -4.42 -6.70
C LYS A 146 -19.28 -3.05 -7.06
N VAL A 147 -18.43 -2.28 -7.70
CA VAL A 147 -18.76 -0.93 -8.12
C VAL A 147 -18.63 -0.90 -9.64
N GLN A 148 -19.77 -0.78 -10.32
CA GLN A 148 -19.77 -0.75 -11.79
C GLN A 148 -20.38 0.51 -12.39
N TRP A 149 -19.67 1.10 -13.32
CA TRP A 149 -20.17 2.29 -13.98
C TRP A 149 -21.12 1.87 -15.08
N LYS A 150 -22.24 2.56 -15.13
CA LYS A 150 -23.26 2.30 -16.12
C LYS A 150 -23.54 3.63 -16.81
N VAL A 151 -23.26 3.70 -18.10
CA VAL A 151 -23.52 4.93 -18.84
C VAL A 151 -24.59 4.64 -19.87
N ASP A 152 -25.70 5.36 -19.77
CA ASP A 152 -26.81 5.16 -20.67
C ASP A 152 -27.18 3.69 -20.71
N ASN A 153 -27.13 3.04 -19.55
CA ASN A 153 -27.50 1.64 -19.44
C ASN A 153 -26.46 0.66 -19.98
N ALA A 154 -25.24 1.13 -20.22
CA ALA A 154 -24.21 0.25 -20.74
C ALA A 154 -23.00 0.20 -19.82
N LEU A 155 -22.50 -1.01 -19.60
CA LEU A 155 -21.36 -1.26 -18.73
C LEU A 155 -20.09 -0.76 -19.43
N GLN A 156 -19.27 -0.01 -18.70
CA GLN A 156 -18.03 0.56 -19.23
C GLN A 156 -16.84 -0.39 -19.20
N SER A 160 -12.09 3.50 -15.90
CA SER A 160 -12.23 4.02 -14.55
C SER A 160 -11.14 3.46 -13.63
N GLN A 161 -11.04 4.02 -12.43
CA GLN A 161 -10.04 3.59 -11.47
C GLN A 161 -10.57 3.91 -10.08
N GLU A 162 -10.24 3.06 -9.12
CA GLU A 162 -10.73 3.27 -7.76
C GLU A 162 -9.66 2.98 -6.73
N SER A 163 -9.94 3.39 -5.51
CA SER A 163 -9.03 3.14 -4.40
C SER A 163 -9.88 3.09 -3.15
N VAL A 164 -9.41 2.34 -2.17
CA VAL A 164 -10.12 2.14 -0.93
C VAL A 164 -9.28 2.59 0.26
N THR A 165 -9.95 3.15 1.27
CA THR A 165 -9.26 3.61 2.46
C THR A 165 -9.00 2.42 3.38
N GLU A 166 -8.21 2.68 4.41
CA GLU A 166 -7.88 1.67 5.40
C GLU A 166 -9.11 1.60 6.27
N GLN A 167 -9.14 0.64 7.18
CA GLN A 167 -10.26 0.53 8.08
C GLN A 167 -10.33 1.81 8.90
N ASP A 168 -11.52 2.40 8.97
CA ASP A 168 -11.71 3.64 9.72
C ASP A 168 -11.26 3.51 11.16
N SER A 169 -10.54 4.53 11.63
CA SER A 169 -10.02 4.57 12.99
C SER A 169 -11.14 4.42 14.01
N LYS A 170 -12.30 4.99 13.71
CA LYS A 170 -13.42 4.89 14.64
C LYS A 170 -14.36 3.69 14.49
N ASP A 171 -14.94 3.49 13.30
CA ASP A 171 -15.88 2.39 13.12
C ASP A 171 -15.38 1.15 12.36
N SER A 172 -14.09 1.13 12.02
CA SER A 172 -13.51 -0.01 11.30
C SER A 172 -14.15 -0.32 9.95
N THR A 173 -14.83 0.65 9.36
CA THR A 173 -15.45 0.46 8.05
C THR A 173 -14.48 0.90 6.98
N TYR A 174 -14.90 0.75 5.73
CA TYR A 174 -14.11 1.13 4.56
C TYR A 174 -14.90 2.13 3.75
N SER A 175 -14.21 2.89 2.93
CA SER A 175 -14.82 3.86 2.06
C SER A 175 -14.11 3.67 0.75
N LEU A 176 -14.82 3.88 -0.35
CA LEU A 176 -14.23 3.68 -1.66
C LEU A 176 -14.57 4.82 -2.62
N SER A 177 -13.59 5.18 -3.44
CA SER A 177 -13.78 6.24 -4.43
C SER A 177 -13.47 5.69 -5.82
N SER A 178 -14.40 5.89 -6.74
CA SER A 178 -14.22 5.42 -8.10
C SER A 178 -14.39 6.59 -9.05
N THR A 179 -13.43 6.76 -9.96
CA THR A 179 -13.48 7.85 -10.90
C THR A 179 -13.57 7.37 -12.34
N LEU A 180 -14.60 7.83 -13.03
CA LEU A 180 -14.81 7.49 -14.44
C LEU A 180 -14.38 8.75 -15.19
N THR A 181 -13.38 8.61 -16.05
CA THR A 181 -12.89 9.76 -16.82
C THR A 181 -13.10 9.62 -18.32
N LEU A 182 -13.70 10.65 -18.90
CA LEU A 182 -13.97 10.68 -20.33
C LEU A 182 -13.53 12.02 -20.91
N SER A 183 -13.44 12.07 -22.24
CA SER A 183 -13.09 13.30 -22.91
C SER A 183 -14.40 14.04 -22.82
N LYS A 184 -14.38 15.35 -22.93
CA LYS A 184 -15.62 16.09 -22.84
C LYS A 184 -16.54 15.72 -24.00
N ALA A 185 -15.95 15.49 -25.16
CA ALA A 185 -16.70 15.13 -26.35
C ALA A 185 -17.54 13.87 -26.10
N ASP A 186 -16.94 12.87 -25.48
CA ASP A 186 -17.64 11.63 -25.17
C ASP A 186 -18.67 11.83 -24.07
N TYR A 187 -18.31 12.65 -23.09
CA TYR A 187 -19.20 12.95 -21.99
C TYR A 187 -20.53 13.49 -22.49
N GLU A 188 -20.46 14.39 -23.46
CA GLU A 188 -21.64 15.02 -24.05
C GLU A 188 -22.47 14.12 -24.98
N LYS A 189 -21.95 12.93 -25.32
CA LYS A 189 -22.69 12.02 -26.19
C LYS A 189 -23.68 11.21 -25.40
N HIS A 190 -23.39 11.04 -24.10
CA HIS A 190 -24.24 10.28 -23.22
C HIS A 190 -25.14 11.16 -22.36
N LYS A 191 -26.13 10.53 -21.76
CA LYS A 191 -27.08 11.27 -20.95
C LYS A 191 -27.21 10.77 -19.51
N VAL A 192 -27.21 9.45 -19.32
CA VAL A 192 -27.32 8.91 -17.97
C VAL A 192 -25.99 8.37 -17.41
N TYR A 193 -25.60 8.88 -16.25
CA TYR A 193 -24.37 8.43 -15.61
C TYR A 193 -24.74 7.79 -14.29
N ALA A 194 -24.48 6.49 -14.20
CA ALA A 194 -24.83 5.77 -13.00
C ALA A 194 -23.72 4.91 -12.42
N CYS A 195 -23.79 4.74 -11.11
CA CYS A 195 -22.83 3.94 -10.37
C CYS A 195 -23.66 2.87 -9.70
N GLU A 196 -23.47 1.63 -10.11
CA GLU A 196 -24.21 0.54 -9.51
C GLU A 196 -23.39 -0.21 -8.49
N VAL A 197 -23.89 -0.25 -7.27
CA VAL A 197 -23.22 -0.91 -6.17
C VAL A 197 -23.87 -2.18 -5.64
N THR A 198 -23.09 -3.25 -5.64
CA THR A 198 -23.54 -4.53 -5.12
C THR A 198 -22.69 -4.74 -3.89
N HIS A 199 -23.34 -4.93 -2.74
CA HIS A 199 -22.65 -5.14 -1.49
C HIS A 199 -23.51 -5.99 -0.55
N GLN A 200 -22.86 -6.84 0.23
CA GLN A 200 -23.56 -7.71 1.18
C GLN A 200 -24.48 -6.98 2.14
N GLY A 201 -24.25 -5.69 2.34
CA GLY A 201 -25.08 -4.94 3.28
C GLY A 201 -26.37 -4.46 2.66
N LEU A 202 -26.53 -4.71 1.37
CA LEU A 202 -27.72 -4.27 0.69
C LEU A 202 -28.47 -5.46 0.15
N SER A 203 -29.77 -5.49 0.42
CA SER A 203 -30.62 -6.57 -0.02
C SER A 203 -30.68 -6.63 -1.54
N SER A 204 -30.42 -5.49 -2.18
CA SER A 204 -30.43 -5.41 -3.62
C SER A 204 -29.50 -4.29 -4.02
N PRO A 205 -28.92 -4.39 -5.23
CA PRO A 205 -27.99 -3.40 -5.77
C PRO A 205 -28.54 -1.99 -5.75
N VAL A 206 -27.65 -1.05 -5.48
CA VAL A 206 -27.99 0.36 -5.42
C VAL A 206 -27.40 1.08 -6.64
N THR A 207 -28.26 1.76 -7.38
CA THR A 207 -27.80 2.50 -8.53
C THR A 207 -27.99 3.98 -8.24
N LYS A 208 -26.88 4.71 -8.16
CA LYS A 208 -26.97 6.13 -7.95
C LYS A 208 -26.74 6.72 -9.33
N SER A 209 -27.65 7.59 -9.75
CA SER A 209 -27.58 8.16 -11.09
C SER A 209 -27.96 9.63 -11.24
N PHE A 210 -27.48 10.22 -12.33
CA PHE A 210 -27.79 11.60 -12.65
C PHE A 210 -27.78 11.70 -14.16
N ASN A 211 -28.57 12.64 -14.67
CA ASN A 211 -28.66 12.86 -16.10
C ASN A 211 -27.90 14.14 -16.37
N ARG A 212 -26.96 14.09 -17.29
CA ARG A 212 -26.17 15.26 -17.64
C ARG A 212 -27.06 16.43 -18.03
N GLY A 213 -26.89 17.55 -17.34
CA GLY A 213 -27.67 18.74 -17.63
C GLY A 213 -28.97 18.90 -16.87
N GLU A 214 -29.42 17.86 -16.19
CA GLU A 214 -30.65 17.96 -15.43
C GLU A 214 -30.50 18.95 -14.30
N CYS A 215 -31.55 19.72 -14.05
CA CYS A 215 -31.57 20.71 -12.97
C CYS A 215 -32.79 20.47 -12.11
N GLN B 1 18.98 -2.16 20.32
CA GLN B 1 18.18 -1.81 19.13
C GLN B 1 18.95 -1.38 17.88
N VAL B 2 18.94 -2.32 16.95
CA VAL B 2 19.55 -2.22 15.64
C VAL B 2 18.90 -1.00 14.98
N GLN B 3 19.68 -0.25 14.23
CA GLN B 3 19.14 0.92 13.56
C GLN B 3 19.66 0.88 12.14
N LEU B 4 18.73 0.92 11.20
CA LEU B 4 19.06 0.90 9.79
C LEU B 4 18.36 2.07 9.12
N VAL B 5 19.14 3.07 8.72
CA VAL B 5 18.59 4.24 8.09
C VAL B 5 18.93 4.33 6.61
N GLU B 6 17.88 4.31 5.79
CA GLU B 6 18.05 4.34 4.35
C GLU B 6 17.85 5.72 3.73
N SER B 7 18.49 5.91 2.57
CA SER B 7 18.43 7.16 1.85
C SER B 7 18.87 6.93 0.41
N GLY B 8 18.75 7.95 -0.43
CA GLY B 8 19.15 7.81 -1.81
C GLY B 8 18.01 7.50 -2.76
N GLY B 9 16.83 7.24 -2.23
CA GLY B 9 15.70 6.95 -3.09
C GLY B 9 15.20 8.21 -3.76
N GLY B 10 14.14 8.09 -4.55
CA GLY B 10 13.59 9.24 -5.22
C GLY B 10 12.93 8.90 -6.54
N VAL B 11 12.81 9.90 -7.40
CA VAL B 11 12.20 9.72 -8.71
C VAL B 11 13.28 9.75 -9.77
N VAL B 12 13.23 8.77 -10.66
CA VAL B 12 14.22 8.69 -11.73
C VAL B 12 13.58 8.27 -13.04
N GLN B 13 14.26 8.59 -14.13
CA GLN B 13 13.77 8.25 -15.46
C GLN B 13 14.18 6.85 -15.86
N PRO B 14 13.40 6.23 -16.75
CA PRO B 14 13.75 4.88 -17.20
C PRO B 14 15.14 4.92 -17.84
N GLY B 15 15.97 3.94 -17.56
CA GLY B 15 17.30 3.90 -18.13
C GLY B 15 18.36 4.57 -17.27
N ARG B 16 17.91 5.30 -16.26
CA ARG B 16 18.81 6.02 -15.38
C ARG B 16 19.17 5.21 -14.14
N SER B 17 19.92 5.83 -13.23
CA SER B 17 20.33 5.11 -12.03
C SER B 17 20.17 5.86 -10.72
N LEU B 18 20.30 5.08 -9.66
CA LEU B 18 20.21 5.53 -8.28
C LEU B 18 21.17 4.66 -7.50
N ARG B 19 21.60 5.14 -6.34
CA ARG B 19 22.47 4.38 -5.46
C ARG B 19 21.93 4.61 -4.08
N LEU B 20 21.34 3.56 -3.51
CA LEU B 20 20.76 3.66 -2.18
C LEU B 20 21.84 3.44 -1.13
N SER B 21 21.65 4.07 0.02
CA SER B 21 22.57 3.94 1.14
C SER B 21 21.74 3.47 2.32
N CYS B 22 22.39 2.72 3.20
CA CYS B 22 21.75 2.17 4.38
C CYS B 22 22.76 2.26 5.53
N ALA B 23 22.55 3.23 6.41
CA ALA B 23 23.44 3.45 7.54
C ALA B 23 23.04 2.54 8.71
N ALA B 24 24.00 1.73 9.17
CA ALA B 24 23.75 0.80 10.27
C ALA B 24 24.46 1.18 11.56
N SER B 25 23.78 0.88 12.66
CA SER B 25 24.28 1.15 14.01
C SER B 25 23.45 0.27 14.95
N GLY B 26 23.94 0.04 16.16
CA GLY B 26 23.18 -0.77 17.10
C GLY B 26 23.54 -2.25 17.04
N PHE B 27 24.59 -2.57 16.30
CA PHE B 27 25.08 -3.94 16.18
C PHE B 27 26.42 -3.90 15.49
N THR B 28 27.14 -5.02 15.49
CA THR B 28 28.43 -5.07 14.83
C THR B 28 28.18 -5.34 13.36
N PHE B 29 28.18 -4.27 12.58
CA PHE B 29 27.95 -4.31 11.13
C PHE B 29 28.84 -5.32 10.39
N SER B 30 30.15 -5.22 10.61
CA SER B 30 31.14 -6.09 9.94
C SER B 30 31.02 -7.60 10.20
N ASN B 31 30.11 -7.99 11.09
CA ASN B 31 29.91 -9.42 11.43
C ASN B 31 28.70 -10.01 10.74
N HIS B 32 27.81 -9.16 10.25
CA HIS B 32 26.59 -9.61 9.62
C HIS B 32 26.43 -9.48 8.13
N GLY B 33 25.78 -10.49 7.55
CA GLY B 33 25.51 -10.47 6.14
C GLY B 33 24.36 -9.47 6.03
N MET B 34 24.23 -8.83 4.88
CA MET B 34 23.17 -7.84 4.67
C MET B 34 22.35 -8.14 3.42
N HIS B 35 21.09 -7.72 3.46
CA HIS B 35 20.15 -7.93 2.34
C HIS B 35 19.42 -6.66 1.92
N TRP B 36 18.84 -6.72 0.74
CA TRP B 36 18.02 -5.65 0.21
C TRP B 36 16.79 -6.41 -0.22
N VAL B 37 15.63 -5.89 0.13
CA VAL B 37 14.37 -6.51 -0.21
C VAL B 37 13.46 -5.39 -0.65
N ARG B 38 12.66 -5.61 -1.68
CA ARG B 38 11.78 -4.56 -2.15
C ARG B 38 10.32 -4.95 -2.10
N GLN B 39 9.45 -3.95 -2.12
CA GLN B 39 8.02 -4.18 -2.06
C GLN B 39 7.29 -3.16 -2.90
N ALA B 40 6.70 -3.62 -3.99
CA ALA B 40 5.95 -2.74 -4.88
C ALA B 40 4.61 -2.44 -4.21
N PRO B 41 4.02 -1.27 -4.48
CA PRO B 41 2.74 -0.83 -3.92
C PRO B 41 1.68 -1.94 -4.00
N GLY B 42 1.12 -2.32 -2.85
CA GLY B 42 0.10 -3.36 -2.83
C GLY B 42 0.57 -4.77 -3.18
N LYS B 43 1.88 -4.96 -3.25
CA LYS B 43 2.43 -6.27 -3.60
C LYS B 43 3.23 -6.87 -2.45
N ARG B 44 3.67 -8.11 -2.66
CA ARG B 44 4.45 -8.84 -1.65
C ARG B 44 5.94 -8.49 -1.62
N LEU B 45 6.62 -8.95 -0.58
CA LEU B 45 8.04 -8.71 -0.40
C LEU B 45 8.83 -9.54 -1.42
N GLU B 46 9.77 -8.88 -2.09
CA GLU B 46 10.61 -9.53 -3.11
C GLU B 46 12.07 -9.32 -2.73
N TRP B 47 12.79 -10.42 -2.58
CA TRP B 47 14.20 -10.37 -2.22
C TRP B 47 14.98 -9.82 -3.42
N VAL B 48 15.96 -8.96 -3.14
CA VAL B 48 16.75 -8.33 -4.19
C VAL B 48 18.19 -8.84 -4.26
N ALA B 49 18.89 -8.79 -3.14
CA ALA B 49 20.28 -9.25 -3.11
C ALA B 49 20.81 -9.46 -1.70
N VAL B 50 21.96 -10.11 -1.61
CA VAL B 50 22.60 -10.38 -0.34
C VAL B 50 24.11 -10.25 -0.52
N ILE B 51 24.78 -9.87 0.56
CA ILE B 51 26.22 -9.72 0.52
C ILE B 51 26.77 -10.17 1.86
N SER B 52 27.90 -10.87 1.84
CA SER B 52 28.51 -11.37 3.06
C SER B 52 29.02 -10.28 3.98
N TYR B 53 29.35 -10.66 5.21
CA TYR B 53 29.85 -9.72 6.20
C TYR B 53 31.08 -8.96 5.72
N ASP B 54 31.96 -9.66 5.00
CA ASP B 54 33.18 -9.06 4.49
C ASP B 54 33.05 -8.57 3.04
N GLY B 55 31.82 -8.56 2.52
CA GLY B 55 31.58 -8.12 1.15
C GLY B 55 32.22 -8.96 0.06
N ARG B 56 32.60 -10.20 0.40
CA ARG B 56 33.26 -11.07 -0.56
C ARG B 56 32.41 -12.06 -1.33
N HIS B 57 31.12 -12.12 -1.03
CA HIS B 57 30.23 -13.01 -1.76
C HIS B 57 28.89 -12.29 -1.95
N GLU B 58 28.34 -12.37 -3.16
CA GLU B 58 27.07 -11.72 -3.45
C GLU B 58 26.13 -12.57 -4.29
N HIS B 59 24.83 -12.33 -4.12
CA HIS B 59 23.81 -13.05 -4.88
C HIS B 59 22.69 -12.08 -5.22
N TYR B 60 22.10 -12.26 -6.40
CA TYR B 60 21.03 -11.39 -6.85
C TYR B 60 19.82 -12.12 -7.34
N ALA B 61 18.69 -11.41 -7.34
CA ALA B 61 17.45 -11.95 -7.85
C ALA B 61 17.60 -11.78 -9.36
N ASP B 62 17.19 -12.79 -10.13
CA ASP B 62 17.32 -12.72 -11.58
C ASP B 62 16.89 -11.40 -12.21
N LEU B 63 15.77 -10.86 -11.74
CA LEU B 63 15.24 -9.60 -12.27
C LEU B 63 16.16 -8.38 -12.22
N VAL B 64 17.10 -8.33 -11.29
CA VAL B 64 17.98 -7.17 -11.18
C VAL B 64 19.41 -7.47 -11.62
N LYS B 65 19.63 -8.74 -11.99
CA LYS B 65 20.93 -9.21 -12.42
C LYS B 65 21.61 -8.39 -13.53
N GLY B 66 22.87 -8.02 -13.29
CA GLY B 66 23.59 -7.23 -14.27
C GLY B 66 23.25 -5.76 -14.23
N ARG B 67 22.20 -5.41 -13.47
CA ARG B 67 21.78 -4.02 -13.36
C ARG B 67 22.06 -3.45 -11.96
N PHE B 68 21.80 -4.25 -10.94
CA PHE B 68 22.01 -3.82 -9.55
C PHE B 68 23.28 -4.41 -8.99
N THR B 69 23.91 -3.68 -8.06
CA THR B 69 25.12 -4.15 -7.41
C THR B 69 24.99 -3.82 -5.93
N ILE B 70 25.18 -4.83 -5.09
CA ILE B 70 25.11 -4.65 -3.65
C ILE B 70 26.54 -4.57 -3.16
N SER B 71 26.82 -3.65 -2.25
CA SER B 71 28.18 -3.49 -1.72
C SER B 71 28.11 -2.93 -0.32
N ARG B 72 29.27 -2.83 0.33
CA ARG B 72 29.32 -2.30 1.68
C ARG B 72 30.67 -1.69 2.00
N ASP B 73 30.64 -0.64 2.82
CA ASP B 73 31.86 0.01 3.27
C ASP B 73 31.77 -0.13 4.77
N ASN B 74 32.38 -1.19 5.30
CA ASN B 74 32.35 -1.44 6.73
C ASN B 74 32.94 -0.34 7.60
N SER B 75 33.93 0.38 7.08
CA SER B 75 34.51 1.47 7.87
C SER B 75 33.44 2.51 8.14
N LYS B 76 32.53 2.69 7.18
CA LYS B 76 31.45 3.65 7.31
C LYS B 76 30.12 3.04 7.77
N ASN B 77 30.13 1.74 8.04
CA ASN B 77 28.91 1.06 8.48
C ASN B 77 27.78 1.35 7.53
N THR B 78 28.09 1.31 6.23
CA THR B 78 27.08 1.60 5.22
C THR B 78 26.95 0.52 4.15
N LEU B 79 25.70 0.19 3.83
CA LEU B 79 25.38 -0.81 2.82
C LEU B 79 24.80 -0.03 1.64
N TYR B 80 25.14 -0.46 0.42
CA TYR B 80 24.64 0.24 -0.77
C TYR B 80 23.95 -0.68 -1.74
N LEU B 81 23.16 -0.07 -2.62
CA LEU B 81 22.48 -0.79 -3.68
C LEU B 81 22.56 0.11 -4.90
N GLN B 82 23.46 -0.24 -5.81
CA GLN B 82 23.61 0.54 -7.04
C GLN B 82 22.50 0.01 -7.93
N MET B 83 21.70 0.91 -8.49
CA MET B 83 20.60 0.52 -9.34
C MET B 83 20.72 1.18 -10.70
N ASN B 84 21.20 0.44 -11.68
CA ASN B 84 21.36 0.99 -13.03
C ASN B 84 20.25 0.53 -13.96
N SER B 85 20.14 1.22 -15.08
CA SER B 85 19.16 0.92 -16.10
C SER B 85 17.79 0.61 -15.48
N LEU B 86 17.30 1.54 -14.66
CA LEU B 86 16.02 1.37 -14.00
C LEU B 86 14.83 1.24 -14.95
N ARG B 87 13.89 0.39 -14.54
CA ARG B 87 12.68 0.11 -15.30
C ARG B 87 11.47 0.46 -14.45
N ALA B 88 10.33 0.70 -15.10
CA ALA B 88 9.10 1.06 -14.40
C ALA B 88 8.75 0.03 -13.33
N GLU B 89 8.98 -1.25 -13.63
CA GLU B 89 8.69 -2.31 -12.68
C GLU B 89 9.65 -2.38 -11.49
N ASP B 90 10.63 -1.47 -11.45
CA ASP B 90 11.58 -1.44 -10.33
C ASP B 90 11.03 -0.53 -9.24
N ARG B 91 9.91 0.11 -9.53
CA ARG B 91 9.28 1.00 -8.56
C ARG B 91 8.90 0.17 -7.35
N ALA B 92 9.30 0.63 -6.17
CA ALA B 92 8.98 -0.09 -4.94
C ALA B 92 9.62 0.56 -3.73
N LEU B 93 9.27 0.05 -2.56
CA LEU B 93 9.84 0.54 -1.32
C LEU B 93 11.01 -0.41 -1.10
N TYR B 94 12.22 0.12 -0.99
CA TYR B 94 13.39 -0.70 -0.79
C TYR B 94 13.87 -0.73 0.64
N PHE B 95 13.98 -1.94 1.20
CA PHE B 95 14.42 -2.14 2.56
C PHE B 95 15.80 -2.76 2.61
N CYS B 96 16.62 -2.32 3.56
CA CYS B 96 17.91 -2.95 3.74
C CYS B 96 17.66 -3.73 5.01
N ALA B 97 18.37 -4.83 5.19
CA ALA B 97 18.15 -5.63 6.37
C ALA B 97 19.34 -6.51 6.66
N ARG B 98 19.51 -6.85 7.93
CA ARG B 98 20.62 -7.70 8.30
C ARG B 98 20.09 -9.10 8.52
N GLU B 99 20.98 -10.08 8.48
CA GLU B 99 20.55 -11.45 8.69
C GLU B 99 21.30 -11.93 9.92
N GLY B 100 20.76 -12.94 10.60
CA GLY B 100 21.41 -13.45 11.80
C GLY B 100 22.76 -14.10 11.53
N LEU B 101 23.51 -14.32 12.60
CA LEU B 101 24.82 -14.93 12.53
C LEU B 101 24.72 -16.43 12.32
N SER B 102 25.73 -17.02 11.71
CA SER B 102 25.75 -18.45 11.45
C SER B 102 26.66 -19.01 12.54
N ARG B 103 26.62 -20.32 12.78
CA ARG B 103 27.46 -20.90 13.81
C ARG B 103 28.90 -21.20 13.35
N ASP B 104 29.09 -21.59 12.09
CA ASP B 104 30.45 -21.89 11.60
C ASP B 104 30.98 -20.94 10.51
N ASN B 105 30.18 -19.93 10.15
CA ASN B 105 30.59 -18.96 9.14
C ASN B 105 31.07 -19.60 7.84
N SER B 106 30.35 -20.64 7.39
CA SER B 106 30.69 -21.33 6.15
C SER B 106 29.79 -20.79 5.06
N GLY B 107 28.84 -19.94 5.47
CA GLY B 107 27.90 -19.36 4.53
C GLY B 107 26.82 -18.49 5.15
N PHE B 108 25.86 -18.07 4.34
CA PHE B 108 24.76 -17.22 4.78
C PHE B 108 23.70 -18.01 5.54
N THR B 109 22.91 -17.32 6.36
CA THR B 109 21.83 -17.95 7.12
C THR B 109 20.51 -17.70 6.41
N GLY B 110 20.38 -16.54 5.80
CA GLY B 110 19.15 -16.20 5.10
C GLY B 110 18.09 -15.84 6.12
N LEU B 111 18.52 -15.70 7.37
CA LEU B 111 17.64 -15.34 8.46
C LEU B 111 17.63 -13.83 8.58
N ILE B 112 16.76 -13.18 7.79
CA ILE B 112 16.62 -11.73 7.80
C ILE B 112 15.92 -11.32 9.09
N ASP B 113 16.68 -10.86 10.09
CA ASP B 113 16.10 -10.49 11.39
C ASP B 113 15.76 -9.02 11.66
N TYR B 114 16.56 -8.06 11.20
CA TYR B 114 16.24 -6.66 11.44
C TYR B 114 16.19 -5.89 10.15
N TRP B 115 15.13 -5.11 9.99
CA TRP B 115 14.91 -4.32 8.78
C TRP B 115 14.92 -2.82 9.00
N GLY B 116 15.25 -2.09 7.93
CA GLY B 116 15.24 -0.63 7.99
C GLY B 116 13.84 -0.14 7.72
N GLN B 117 13.65 1.17 7.65
CA GLN B 117 12.33 1.78 7.40
C GLN B 117 11.97 1.87 5.92
N GLY B 118 12.97 1.69 5.07
CA GLY B 118 12.76 1.73 3.64
C GLY B 118 12.86 3.10 3.00
N THR B 119 13.22 3.12 1.73
CA THR B 119 13.33 4.34 0.96
C THR B 119 12.63 4.06 -0.36
N MET B 120 11.80 5.00 -0.79
CA MET B 120 11.02 4.82 -2.02
C MET B 120 11.73 5.15 -3.32
N VAL B 121 11.49 4.31 -4.32
CA VAL B 121 12.06 4.49 -5.65
C VAL B 121 10.91 4.49 -6.65
N THR B 122 10.85 5.54 -7.46
CA THR B 122 9.81 5.65 -8.48
C THR B 122 10.50 5.88 -9.81
N VAL B 123 10.24 4.99 -10.76
CA VAL B 123 10.82 5.12 -12.08
C VAL B 123 9.72 5.51 -13.06
N SER B 124 9.87 6.69 -13.67
CA SER B 124 8.89 7.18 -14.60
C SER B 124 9.43 8.26 -15.51
N SER B 125 8.86 8.37 -16.70
CA SER B 125 9.27 9.36 -17.68
C SER B 125 8.37 10.59 -17.57
N ALA B 126 7.47 10.57 -16.60
CA ALA B 126 6.56 11.69 -16.39
C ALA B 126 7.34 12.89 -15.90
N SER B 127 6.88 14.08 -16.26
CA SER B 127 7.53 15.31 -15.84
C SER B 127 6.85 15.79 -14.57
N THR B 128 7.61 16.41 -13.69
CA THR B 128 7.06 16.92 -12.45
C THR B 128 5.90 17.83 -12.85
N LYS B 129 4.74 17.61 -12.24
CA LYS B 129 3.57 18.43 -12.56
C LYS B 129 2.64 18.60 -11.36
N GLY B 130 2.21 19.84 -11.16
CA GLY B 130 1.31 20.15 -10.07
C GLY B 130 -0.09 19.70 -10.45
N PRO B 131 -0.96 19.45 -9.47
CA PRO B 131 -2.34 19.01 -9.69
C PRO B 131 -3.35 20.10 -10.03
N SER B 132 -4.42 19.71 -10.69
CA SER B 132 -5.52 20.60 -11.01
C SER B 132 -6.42 20.20 -9.86
N VAL B 133 -7.03 21.15 -9.20
CA VAL B 133 -7.90 20.82 -8.08
C VAL B 133 -9.32 21.18 -8.46
N PHE B 134 -10.13 20.15 -8.68
CA PHE B 134 -11.52 20.36 -9.05
C PHE B 134 -12.45 20.06 -7.89
N PRO B 135 -13.54 20.82 -7.77
CA PRO B 135 -14.51 20.63 -6.71
C PRO B 135 -15.47 19.48 -6.97
N LEU B 136 -15.89 18.83 -5.90
CA LEU B 136 -16.85 17.75 -5.94
C LEU B 136 -17.97 18.37 -5.14
N ALA B 137 -18.83 19.08 -5.86
CA ALA B 137 -19.94 19.82 -5.28
C ALA B 137 -21.00 19.01 -4.55
N PRO B 138 -21.34 19.45 -3.33
CA PRO B 138 -22.37 18.73 -2.57
C PRO B 138 -23.67 18.96 -3.32
N SER B 139 -24.57 18.00 -3.29
CA SER B 139 -25.84 18.11 -4.00
C SER B 139 -26.80 17.09 -3.44
N SER B 140 -28.00 17.04 -4.00
CA SER B 140 -29.01 16.09 -3.55
C SER B 140 -28.50 14.67 -3.80
N LYS B 141 -27.51 14.54 -4.68
CA LYS B 141 -26.94 13.25 -5.00
C LYS B 141 -25.75 12.88 -4.12
N SER B 142 -25.44 13.73 -3.15
CA SER B 142 -24.32 13.44 -2.25
C SER B 142 -24.77 13.67 -0.81
N THR B 143 -26.08 13.64 -0.61
CA THR B 143 -26.63 13.83 0.73
C THR B 143 -27.49 12.66 1.16
N SER B 144 -27.38 12.31 2.44
CA SER B 144 -28.12 11.22 3.05
C SER B 144 -28.52 11.69 4.45
N GLY B 145 -29.82 11.71 4.71
CA GLY B 145 -30.28 12.17 6.01
C GLY B 145 -29.92 13.64 6.12
N GLY B 146 -29.24 14.02 7.19
CA GLY B 146 -28.85 15.41 7.36
C GLY B 146 -27.36 15.58 7.08
N THR B 147 -26.80 14.65 6.31
CA THR B 147 -25.37 14.70 5.99
C THR B 147 -25.08 14.81 4.50
N ALA B 148 -24.18 15.73 4.15
CA ALA B 148 -23.80 15.94 2.76
C ALA B 148 -22.31 15.69 2.58
N ALA B 149 -21.95 15.10 1.45
CA ALA B 149 -20.56 14.82 1.16
C ALA B 149 -20.14 15.80 0.08
N LEU B 150 -18.92 16.32 0.21
CA LEU B 150 -18.37 17.26 -0.75
C LEU B 150 -16.89 16.95 -0.71
N GLY B 151 -16.17 17.37 -1.73
CA GLY B 151 -14.74 17.08 -1.73
C GLY B 151 -13.95 17.79 -2.80
N CYS B 152 -12.76 17.28 -3.07
CA CYS B 152 -11.88 17.84 -4.07
C CYS B 152 -11.19 16.72 -4.83
N LEU B 153 -11.11 16.89 -6.14
CA LEU B 153 -10.46 15.93 -7.01
C LEU B 153 -9.08 16.56 -7.27
N VAL B 154 -8.05 15.92 -6.75
CA VAL B 154 -6.69 16.41 -6.96
C VAL B 154 -6.17 15.55 -8.09
N LYS B 155 -6.34 16.05 -9.30
CA LYS B 155 -5.96 15.31 -10.51
C LYS B 155 -4.73 15.72 -11.31
N ASP B 156 -4.14 14.72 -11.96
CA ASP B 156 -2.97 14.83 -12.81
C ASP B 156 -1.71 15.48 -12.25
N TYR B 157 -1.14 14.88 -11.21
CA TYR B 157 0.08 15.41 -10.65
C TYR B 157 1.14 14.33 -10.60
N PHE B 158 2.39 14.75 -10.50
CA PHE B 158 3.52 13.83 -10.43
C PHE B 158 4.70 14.60 -9.86
N PRO B 159 5.43 13.98 -8.92
CA PRO B 159 5.22 12.64 -8.38
C PRO B 159 4.46 12.71 -7.06
N GLU B 160 4.39 11.58 -6.37
CA GLU B 160 3.74 11.56 -5.06
C GLU B 160 4.73 12.33 -4.19
N PRO B 161 4.26 12.91 -3.06
CA PRO B 161 2.90 12.91 -2.52
C PRO B 161 2.25 14.31 -2.50
N VAL B 162 1.01 14.36 -2.01
CA VAL B 162 0.25 15.60 -1.85
C VAL B 162 -0.36 15.53 -0.46
N THR B 163 -0.70 16.69 0.10
CA THR B 163 -1.34 16.73 1.40
C THR B 163 -2.63 17.49 1.17
N VAL B 164 -3.66 17.14 1.92
CA VAL B 164 -4.94 17.83 1.81
C VAL B 164 -5.50 18.04 3.19
N SER B 165 -5.98 19.25 3.44
CA SER B 165 -6.58 19.57 4.71
C SER B 165 -7.83 20.33 4.35
N TRP B 166 -8.75 20.43 5.30
CA TRP B 166 -10.00 21.13 5.06
C TRP B 166 -10.14 22.30 5.99
N ASN B 167 -10.50 23.45 5.44
CA ASN B 167 -10.66 24.67 6.20
C ASN B 167 -9.45 24.86 7.10
N SER B 168 -8.28 24.72 6.47
CA SER B 168 -6.99 24.85 7.14
C SER B 168 -6.86 23.95 8.36
N GLY B 169 -7.54 22.80 8.32
CA GLY B 169 -7.48 21.86 9.42
C GLY B 169 -8.61 21.94 10.43
N ALA B 170 -9.44 22.98 10.35
CA ALA B 170 -10.56 23.14 11.28
C ALA B 170 -11.60 22.03 11.18
N LEU B 171 -11.63 21.35 10.05
CA LEU B 171 -12.57 20.24 9.84
C LEU B 171 -12.01 18.89 10.25
N SER B 173 -12.99 15.72 11.72
CA SER B 173 -13.74 14.48 11.55
C SER B 173 -14.46 14.45 10.21
N GLY B 174 -14.78 13.24 9.74
CA GLY B 174 -15.49 13.07 8.49
C GLY B 174 -14.66 13.16 7.21
N VAL B 175 -13.35 13.35 7.33
CA VAL B 175 -12.51 13.43 6.14
C VAL B 175 -11.99 12.06 5.73
N HIS B 176 -12.12 11.76 4.45
CA HIS B 176 -11.64 10.51 3.89
C HIS B 176 -10.78 10.90 2.71
N THR B 177 -9.46 10.93 2.91
CA THR B 177 -8.58 11.27 1.79
C THR B 177 -8.08 9.92 1.28
N PHE B 178 -8.51 9.59 0.08
CA PHE B 178 -8.16 8.31 -0.55
C PHE B 178 -6.76 8.17 -1.09
N PRO B 179 -6.27 6.91 -1.13
CA PRO B 179 -4.93 6.63 -1.63
C PRO B 179 -4.87 7.12 -3.06
N ALA B 180 -3.73 7.68 -3.43
CA ALA B 180 -3.59 8.17 -4.79
C ALA B 180 -3.68 6.97 -5.72
N VAL B 181 -3.98 7.26 -6.96
CA VAL B 181 -4.15 6.26 -7.97
C VAL B 181 -3.21 6.64 -9.16
N LEU B 182 -2.45 5.66 -9.65
CA LEU B 182 -1.57 5.91 -10.79
C LEU B 182 -2.38 5.68 -12.07
N GLN B 183 -2.57 6.77 -12.82
CA GLN B 183 -3.34 6.68 -14.05
C GLN B 183 -2.54 6.19 -15.25
N SER B 184 -3.26 5.79 -16.29
CA SER B 184 -2.64 5.29 -17.51
C SER B 184 -1.68 6.32 -18.10
N SER B 185 -1.97 7.60 -17.84
CA SER B 185 -1.16 8.71 -18.34
C SER B 185 0.19 8.80 -17.66
N GLY B 186 0.30 8.13 -16.50
CA GLY B 186 1.55 8.16 -15.76
C GLY B 186 1.45 9.20 -14.67
N LEU B 187 0.31 9.87 -14.61
CA LEU B 187 0.08 10.90 -13.62
C LEU B 187 -0.80 10.34 -12.52
N TYR B 188 -0.70 10.91 -11.32
CA TYR B 188 -1.49 10.47 -10.18
C TYR B 188 -2.74 11.32 -10.03
N SER B 189 -3.69 10.79 -9.26
CA SER B 189 -4.94 11.49 -9.00
C SER B 189 -5.51 10.94 -7.71
N LEU B 190 -6.02 11.82 -6.85
CA LEU B 190 -6.63 11.37 -5.62
C LEU B 190 -7.80 12.25 -5.27
N SER B 191 -8.69 11.72 -4.44
CA SER B 191 -9.86 12.45 -4.04
C SER B 191 -9.88 12.51 -2.52
N SER B 192 -10.36 13.62 -2.01
CA SER B 192 -10.47 13.84 -0.58
C SER B 192 -11.90 14.29 -0.44
N VAL B 193 -12.67 13.53 0.33
CA VAL B 193 -14.06 13.86 0.54
C VAL B 193 -14.27 14.04 2.03
N VAL B 194 -15.28 14.81 2.38
CA VAL B 194 -15.59 15.07 3.77
C VAL B 194 -17.09 15.19 3.91
N THR B 195 -17.62 14.69 5.01
CA THR B 195 -19.05 14.78 5.24
C THR B 195 -19.33 15.86 6.27
N VAL B 196 -20.34 16.65 5.98
CA VAL B 196 -20.74 17.76 6.86
C VAL B 196 -22.25 17.79 6.98
N PRO B 197 -22.78 18.54 7.95
CA PRO B 197 -24.24 18.63 8.12
C PRO B 197 -24.77 19.36 6.89
N SER B 198 -25.77 18.80 6.22
CA SER B 198 -26.33 19.45 5.04
C SER B 198 -26.88 20.83 5.39
N SER B 199 -27.26 21.02 6.65
CA SER B 199 -27.80 22.30 7.12
C SER B 199 -26.77 23.40 7.12
N SER B 200 -25.50 23.04 6.94
CA SER B 200 -24.40 24.01 6.95
C SER B 200 -23.99 24.52 5.58
N LEU B 201 -24.51 23.90 4.52
CA LEU B 201 -24.14 24.31 3.16
C LEU B 201 -24.29 25.80 2.84
N GLY B 202 -25.16 26.50 3.58
CA GLY B 202 -25.29 27.93 3.34
C GLY B 202 -24.28 28.62 4.23
N THR B 203 -24.51 28.48 5.53
CA THR B 203 -23.71 29.05 6.62
C THR B 203 -22.20 28.90 6.60
N GLN B 204 -21.73 27.77 6.10
CA GLN B 204 -20.31 27.49 6.13
C GLN B 204 -19.61 27.35 4.77
N THR B 205 -18.43 27.94 4.66
CA THR B 205 -17.65 27.85 3.44
C THR B 205 -16.70 26.68 3.67
N TYR B 206 -16.52 25.86 2.66
CA TYR B 206 -15.64 24.71 2.76
C TYR B 206 -14.55 24.85 1.72
N ILE B 207 -13.31 24.77 2.18
CA ILE B 207 -12.16 24.91 1.31
C ILE B 207 -11.15 23.80 1.53
N CYS B 208 -10.70 23.18 0.44
CA CYS B 208 -9.69 22.13 0.58
C CYS B 208 -8.35 22.78 0.29
N ASN B 209 -7.39 22.55 1.18
CA ASN B 209 -6.06 23.10 1.02
C ASN B 209 -5.17 21.99 0.49
N VAL B 210 -4.71 22.16 -0.74
CA VAL B 210 -3.87 21.15 -1.39
C VAL B 210 -2.44 21.63 -1.58
N ASN B 211 -1.49 20.78 -1.21
CA ASN B 211 -0.08 21.11 -1.37
C ASN B 211 0.66 19.95 -2.02
N HIS B 212 1.45 20.29 -3.04
CA HIS B 212 2.24 19.31 -3.77
C HIS B 212 3.64 19.91 -3.81
N LYS B 213 4.40 19.65 -2.76
CA LYS B 213 5.76 20.16 -2.62
C LYS B 213 6.69 19.98 -3.83
N PRO B 214 6.68 18.79 -4.47
CA PRO B 214 7.57 18.58 -5.63
C PRO B 214 7.47 19.64 -6.74
N SER B 215 6.27 20.20 -6.92
CA SER B 215 6.06 21.22 -7.94
C SER B 215 5.83 22.59 -7.30
N ASN B 216 5.97 22.62 -5.97
CA ASN B 216 5.79 23.84 -5.21
C ASN B 216 4.39 24.38 -5.45
N THR B 217 3.43 23.48 -5.58
CA THR B 217 2.05 23.85 -5.81
C THR B 217 1.27 23.94 -4.51
N LYS B 218 0.52 25.02 -4.38
CA LYS B 218 -0.30 25.25 -3.19
C LYS B 218 -1.61 25.86 -3.68
N VAL B 219 -2.70 25.15 -3.42
CA VAL B 219 -4.02 25.56 -3.85
C VAL B 219 -5.12 25.48 -2.78
N ASP B 220 -5.91 26.55 -2.68
CA ASP B 220 -7.02 26.59 -1.74
C ASP B 220 -8.30 26.73 -2.56
N LYS B 221 -8.94 25.62 -2.87
CA LYS B 221 -10.16 25.65 -3.68
C LYS B 221 -11.42 25.57 -2.84
N LYS B 222 -12.30 26.57 -3.03
CA LYS B 222 -13.57 26.60 -2.31
C LYS B 222 -14.52 25.67 -3.04
N VAL B 223 -15.25 24.88 -2.27
CA VAL B 223 -16.20 23.94 -2.83
C VAL B 223 -17.61 24.41 -2.47
N GLU B 224 -18.33 24.87 -3.49
CA GLU B 224 -19.69 25.38 -3.32
C GLU B 224 -20.75 24.37 -3.77
N PRO B 225 -21.92 24.39 -3.13
CA PRO B 225 -23.03 23.49 -3.46
C PRO B 225 -23.30 23.56 -4.96
N LYS B 226 -23.70 22.45 -5.58
CA LYS B 226 -23.99 22.42 -7.02
C LYS B 226 -25.09 23.43 -7.35
N SER B 227 -25.11 23.96 -8.57
CA SER B 227 -26.08 25.01 -8.94
C SER B 227 -27.12 24.73 -10.00
N GLU C 1 23.30 -12.26 20.89
CA GLU C 1 22.77 -12.61 19.55
C GLU C 1 22.39 -14.08 19.44
N THR C 2 21.38 -14.37 18.63
CA THR C 2 20.95 -15.74 18.42
C THR C 2 21.83 -16.30 17.29
N ILE C 3 22.11 -17.60 17.37
CA ILE C 3 22.93 -18.25 16.35
C ILE C 3 22.04 -19.13 15.46
N TYR C 4 22.22 -19.03 14.15
CA TYR C 4 21.42 -19.80 13.19
C TYR C 4 22.27 -20.70 12.28
N ASN C 5 21.64 -21.66 11.62
CA ASN C 5 22.33 -22.58 10.71
C ASN C 5 22.59 -21.85 9.41
N THR C 6 23.68 -22.17 8.72
CA THR C 6 23.90 -21.51 7.44
C THR C 6 23.12 -22.37 6.45
N THR C 7 22.43 -21.72 5.52
CA THR C 7 21.60 -22.39 4.52
C THR C 7 22.09 -22.21 3.08
N LEU C 8 23.15 -21.42 2.93
CA LEU C 8 23.75 -21.17 1.62
C LEU C 8 25.24 -20.96 1.83
N LYS C 9 26.03 -21.93 1.36
CA LYS C 9 27.47 -21.89 1.49
C LYS C 9 28.12 -20.82 0.63
N TYR C 10 29.24 -20.30 1.10
CA TYR C 10 29.98 -19.30 0.35
C TYR C 10 30.61 -19.99 -0.85
#